data_4S1X
#
_entry.id   4S1X
#
_cell.length_a   34.450
_cell.length_b   98.523
_cell.length_c   34.553
_cell.angle_alpha   90.000
_cell.angle_beta   89.960
_cell.angle_gamma   90.000
#
_symmetry.space_group_name_H-M   'P 1 21 1'
#
loop_
_entity.id
_entity.type
_entity.pdbx_description
1 polymer 'Truncated hemagglutinin'
2 non-polymer GLYCEROL
3 water water
#
_entity_poly.entity_id   1
_entity_poly.type   'polypeptide(L)'
_entity_poly.pdbx_seq_one_letter_code
;WGSIDQINGK(MSE)NRVIEKFHQIEKEFSEVEGRIQD(MSE)EKY
;
_entity_poly.pdbx_strand_id   A,B,C,D,E,F
#
loop_
_chem_comp.id
_chem_comp.type
_chem_comp.name
_chem_comp.formula
GOL non-polymer GLYCEROL 'C3 H8 O3'
#
# COMPACT_ATOMS: atom_id res chain seq x y z
N TRP A 1 -2.55 -1.33 -14.55
CA TRP A 1 -2.04 -0.07 -13.94
C TRP A 1 -2.06 -0.05 -12.41
N GLY A 2 -2.60 -1.10 -11.80
CA GLY A 2 -2.50 -1.32 -10.37
C GLY A 2 -1.05 -1.53 -9.93
N SER A 3 -0.22 -2.03 -10.84
CA SER A 3 1.22 -2.12 -10.60
C SER A 3 1.87 -0.73 -10.64
N ILE A 4 1.41 0.15 -11.55
CA ILE A 4 1.88 1.56 -11.53
C ILE A 4 1.32 2.34 -10.35
N ASP A 5 0.01 2.26 -10.12
CA ASP A 5 -0.58 2.88 -8.93
C ASP A 5 0.23 2.49 -7.69
N GLN A 6 0.67 1.23 -7.65
CA GLN A 6 1.42 0.67 -6.53
C GLN A 6 2.82 1.26 -6.37
N ILE A 7 3.55 1.44 -7.47
CA ILE A 7 4.88 2.08 -7.38
C ILE A 7 4.77 3.59 -7.20
N ASN A 8 3.70 4.17 -7.71
CA ASN A 8 3.37 5.54 -7.39
C ASN A 8 3.28 5.72 -5.87
N GLY A 9 2.60 4.77 -5.23
CA GLY A 9 2.47 4.75 -3.77
C GLY A 9 3.76 4.49 -3.02
N LYS A 10 4.59 3.58 -3.55
CA LYS A 10 5.91 3.27 -2.95
C LYS A 10 6.89 4.44 -3.05
N MSE A 11 6.79 5.21 -4.13
CA MSE A 11 7.64 6.38 -4.36
C MSE A 11 7.18 7.48 -3.47
O MSE A 11 8.00 8.17 -2.83
CB MSE A 11 7.54 6.82 -5.82
CG MSE A 11 8.49 6.03 -6.69
SE MSE A 11 8.22 6.55 -8.58
CE MSE A 11 6.27 6.40 -8.75
N ASN A 12 5.87 7.68 -3.39
CA ASN A 12 5.32 8.68 -2.47
C ASN A 12 5.73 8.49 -1.01
N ARG A 13 5.77 7.23 -0.55
CA ARG A 13 6.10 6.93 0.85
C ARG A 13 7.59 7.10 1.11
N VAL A 14 8.43 6.66 0.18
CA VAL A 14 9.87 7.01 0.23
C VAL A 14 10.14 8.53 0.32
N ILE A 15 9.43 9.32 -0.49
CA ILE A 15 9.56 10.78 -0.48
C ILE A 15 9.12 11.43 0.85
N GLU A 16 7.93 11.05 1.32
CA GLU A 16 7.35 11.51 2.60
C GLU A 16 8.26 11.24 3.80
N LYS A 17 8.77 10.02 3.93
CA LYS A 17 9.62 9.62 5.07
C LYS A 17 10.95 10.33 4.93
N PHE A 18 11.62 10.47 3.51
CA PHE A 18 12.80 11.33 3.40
C PHE A 18 12.57 12.74 3.96
N HIS A 19 11.42 13.33 3.67
CA HIS A 19 11.15 14.69 4.16
C HIS A 19 11.08 14.75 5.69
N GLN A 20 10.54 13.70 6.32
CA GLN A 20 10.58 13.57 7.80
C GLN A 20 12.01 13.46 8.36
N ILE A 21 12.85 12.67 7.68
CA ILE A 21 14.23 12.45 8.12
C ILE A 21 15.01 13.76 7.92
N GLU A 22 14.84 14.40 6.75
CA GLU A 22 15.41 15.74 6.49
C GLU A 22 15.09 16.75 7.61
N LYS A 23 13.82 16.85 7.99
CA LYS A 23 13.37 17.77 9.04
C LYS A 23 14.04 17.48 10.37
N GLU A 24 14.12 16.20 10.70
CA GLU A 24 14.75 15.75 11.93
C GLU A 24 16.22 16.16 11.99
N PHE A 25 16.92 15.95 10.88
CA PHE A 25 18.31 16.40 10.73
C PHE A 25 18.46 17.92 10.90
N SER A 26 17.54 18.68 10.28
CA SER A 26 17.51 20.14 10.47
C SER A 26 17.45 20.55 11.94
N GLU A 27 16.58 19.87 12.70
CA GLU A 27 16.42 20.13 14.12
C GLU A 27 17.68 19.82 14.92
N VAL A 28 18.30 18.68 14.64
CA VAL A 28 19.59 18.33 15.23
C VAL A 28 20.61 19.43 14.92
N GLU A 29 20.73 19.77 13.64
CA GLU A 29 21.65 20.84 13.23
C GLU A 29 21.43 22.12 14.02
N GLY A 30 20.18 22.55 14.13
CA GLY A 30 19.86 23.82 14.80
C GLY A 30 20.20 23.84 16.27
N ARG A 31 20.28 22.65 16.87
CA ARG A 31 20.63 22.50 18.27
C ARG A 31 22.14 22.40 18.49
N ILE A 32 22.84 21.87 17.49
CA ILE A 32 24.30 22.00 17.49
C ILE A 32 24.64 23.48 17.40
N GLN A 33 23.85 24.22 16.60
CA GLN A 33 24.04 25.66 16.43
C GLN A 33 23.81 26.45 17.70
N ASP A 34 22.70 26.20 18.41
CA ASP A 34 22.45 26.80 19.73
C ASP A 34 23.62 26.62 20.68
N MSE A 35 24.09 25.38 20.77
CA MSE A 35 25.18 24.98 21.67
C MSE A 35 26.46 25.72 21.33
O MSE A 35 27.16 26.19 22.22
CB MSE A 35 25.36 23.48 21.52
CG MSE A 35 26.32 22.86 22.55
SE MSE A 35 27.06 21.20 21.82
CE MSE A 35 27.75 21.85 20.09
N GLU A 36 26.75 25.82 20.03
CA GLU A 36 27.95 26.52 19.54
C GLU A 36 27.93 28.03 19.78
N LYS A 37 26.76 28.64 19.59
CA LYS A 37 26.62 30.09 19.69
C LYS A 37 26.46 30.53 21.14
N TYR A 38 25.44 30.00 21.80
CA TYR A 38 25.02 30.42 23.15
C TYR A 38 25.89 29.85 24.27
N GLY B 2 23.25 17.30 29.62
CA GLY B 2 22.39 18.36 29.02
C GLY B 2 22.39 18.24 27.52
N SER B 3 22.38 19.38 26.83
CA SER B 3 22.26 19.41 25.37
C SER B 3 23.28 18.61 24.58
N ILE B 4 24.35 18.14 25.23
CA ILE B 4 25.42 17.51 24.46
C ILE B 4 25.16 16.01 24.22
N ASP B 5 24.83 15.30 25.28
CA ASP B 5 24.45 13.89 25.17
C ASP B 5 23.12 13.77 24.40
N GLN B 6 22.29 14.81 24.50
CA GLN B 6 20.98 14.87 23.79
C GLN B 6 21.11 14.97 22.28
N ILE B 7 21.97 15.87 21.80
CA ILE B 7 22.31 15.99 20.38
C ILE B 7 22.95 14.69 19.90
N ASN B 8 23.83 14.14 20.74
CA ASN B 8 24.55 12.93 20.40
C ASN B 8 23.57 11.78 20.16
N GLY B 9 22.57 11.64 21.04
CA GLY B 9 21.51 10.64 20.86
C GLY B 9 20.64 10.88 19.62
N LYS B 10 20.17 12.11 19.45
CA LYS B 10 19.34 12.48 18.30
CA LYS B 10 19.33 12.46 18.29
C LYS B 10 20.03 12.26 16.94
N MSE B 11 21.32 12.59 16.89
CA MSE B 11 22.07 12.53 15.63
C MSE B 11 22.32 11.11 15.26
O MSE B 11 22.27 10.77 14.08
CB MSE B 11 23.41 13.28 15.70
CG MSE B 11 24.23 13.19 14.40
SE MSE B 11 23.34 14.15 12.92
CE MSE B 11 24.85 14.10 11.66
N ASN B 12 22.62 10.27 16.24
CA ASN B 12 22.82 8.85 15.99
C ASN B 12 21.54 8.19 15.46
N ARG B 13 20.39 8.55 16.04
CA ARG B 13 19.13 8.03 15.57
C ARG B 13 18.75 8.56 14.19
N VAL B 14 19.03 9.83 13.92
CA VAL B 14 18.84 10.35 12.53
C VAL B 14 19.71 9.59 11.52
N ILE B 15 20.99 9.37 11.83
CA ILE B 15 21.86 8.61 10.90
C ILE B 15 21.36 7.19 10.60
N GLU B 16 20.91 6.49 11.64
CA GLU B 16 20.22 5.21 11.54
C GLU B 16 19.04 5.28 10.57
N LYS B 17 18.17 6.27 10.71
CA LYS B 17 17.01 6.45 9.83
C LYS B 17 17.46 6.80 8.42
N PHE B 18 18.68 7.64 8.21
CA PHE B 18 19.17 7.84 6.85
C PHE B 18 19.55 6.56 6.15
N HIS B 19 20.18 5.63 6.86
CA HIS B 19 20.57 4.36 6.27
C HIS B 19 19.36 3.47 5.87
N GLN B 20 18.31 3.48 6.68
CA GLN B 20 17.01 2.87 6.29
C GLN B 20 16.42 3.43 5.00
N ILE B 21 16.37 4.76 4.89
CA ILE B 21 15.79 5.40 3.70
C ILE B 21 16.63 5.15 2.44
N GLU B 22 17.95 5.05 2.58
CA GLU B 22 18.83 4.68 1.46
C GLU B 22 18.42 3.32 0.89
N LYS B 23 18.33 2.31 1.75
CA LYS B 23 17.99 0.94 1.35
C LYS B 23 16.59 0.87 0.69
N GLU B 24 15.65 1.65 1.22
CA GLU B 24 14.28 1.66 0.70
C GLU B 24 14.22 2.28 -0.66
N PHE B 25 14.96 3.38 -0.82
CA PHE B 25 15.06 4.04 -2.12
C PHE B 25 15.63 3.10 -3.15
N SER B 26 16.80 2.53 -2.85
CA SER B 26 17.41 1.52 -3.74
C SER B 26 16.47 0.40 -4.18
N GLU B 27 15.54 0.03 -3.32
CA GLU B 27 14.62 -1.06 -3.59
C GLU B 27 13.46 -0.62 -4.48
N VAL B 28 12.90 0.56 -4.19
CA VAL B 28 11.90 1.19 -5.05
C VAL B 28 12.47 1.54 -6.44
N GLU B 29 13.71 2.07 -6.48
CA GLU B 29 14.36 2.42 -7.76
C GLU B 29 14.54 1.17 -8.62
N GLY B 30 15.11 0.13 -8.02
CA GLY B 30 15.25 -1.17 -8.64
C GLY B 30 13.99 -1.67 -9.28
N ARG B 31 12.87 -1.65 -8.55
CA ARG B 31 11.58 -2.04 -9.08
C ARG B 31 11.14 -1.20 -10.28
N ILE B 32 11.39 0.11 -10.25
CA ILE B 32 11.06 1.00 -11.39
C ILE B 32 11.90 0.66 -12.60
N GLN B 33 13.20 0.49 -12.37
CA GLN B 33 14.16 0.06 -13.38
C GLN B 33 13.72 -1.24 -14.06
N ASP B 34 13.24 -2.17 -13.24
CA ASP B 34 12.80 -3.49 -13.74
C ASP B 34 11.49 -3.43 -14.51
N MSE B 35 10.54 -2.66 -14.02
CA MSE B 35 9.29 -2.40 -14.76
C MSE B 35 9.57 -1.78 -16.12
O MSE B 35 8.94 -2.14 -17.13
CB MSE B 35 8.42 -1.47 -13.93
CG MSE B 35 7.70 -2.24 -12.83
SE MSE B 35 6.73 -1.00 -11.65
CE MSE B 35 6.56 0.58 -12.82
N GLU B 36 10.52 -0.84 -16.16
CA GLU B 36 10.83 -0.14 -17.41
C GLU B 36 11.62 -1.02 -18.39
N LYS B 37 12.42 -1.95 -17.85
CA LYS B 37 13.29 -2.80 -18.67
C LYS B 37 12.50 -3.94 -19.32
N TYR B 38 11.66 -4.58 -18.52
CA TYR B 38 10.93 -5.78 -18.96
C TYR B 38 9.53 -5.51 -19.49
N ILE C 4 -3.69 3.41 -17.44
CA ILE C 4 -4.33 4.71 -17.83
C ILE C 4 -3.27 5.80 -17.98
N ASP C 5 -3.49 6.68 -18.95
CA ASP C 5 -2.70 7.88 -19.19
C ASP C 5 -2.53 8.67 -17.91
N GLN C 6 -3.54 8.57 -17.06
CA GLN C 6 -3.62 9.29 -15.78
C GLN C 6 -2.60 8.80 -14.75
N ILE C 7 -2.38 7.50 -14.69
CA ILE C 7 -1.45 6.93 -13.71
C ILE C 7 0.00 6.98 -14.21
N ASN C 8 0.17 7.10 -15.52
CA ASN C 8 1.51 7.36 -16.06
C ASN C 8 1.78 8.85 -16.01
N GLY C 9 0.73 9.66 -16.18
CA GLY C 9 0.88 11.10 -16.03
C GLY C 9 1.47 11.35 -14.66
N LYS C 10 0.81 10.81 -13.64
CA LYS C 10 1.28 10.93 -12.26
C LYS C 10 2.70 10.40 -12.12
N MSE C 11 2.90 9.17 -12.57
CA MSE C 11 4.17 8.47 -12.41
C MSE C 11 5.35 9.30 -12.84
O MSE C 11 6.32 9.46 -12.10
CB MSE C 11 4.11 7.18 -13.20
CG MSE C 11 5.49 6.73 -13.66
SE MSE C 11 6.17 5.46 -12.34
CE MSE C 11 8.04 5.45 -12.97
N ASN C 12 5.29 9.83 -14.06
CA ASN C 12 6.34 10.69 -14.57
C ASN C 12 6.49 11.97 -13.73
N ARG C 13 5.44 12.30 -12.97
CA ARG C 13 5.47 13.47 -12.10
C ARG C 13 6.07 13.11 -10.74
N VAL C 14 5.47 12.13 -10.08
CA VAL C 14 5.99 11.59 -8.82
C VAL C 14 7.43 11.13 -8.97
N ILE C 15 7.69 10.47 -10.09
CA ILE C 15 9.02 10.03 -10.44
C ILE C 15 10.00 11.20 -10.50
N GLU C 16 9.47 12.41 -10.72
CA GLU C 16 10.33 13.59 -10.82
C GLU C 16 10.92 13.94 -9.46
N LYS C 17 10.03 14.17 -8.50
CA LYS C 17 10.41 14.42 -7.12
C LYS C 17 11.25 13.26 -6.60
N PHE C 18 11.08 12.02 -6.83
CA PHE C 18 11.80 10.82 -6.42
C PHE C 18 13.24 10.91 -6.88
N HIS C 19 13.44 11.27 -8.15
CA HIS C 19 14.75 11.40 -8.76
C HIS C 19 15.67 12.39 -8.04
N GLN C 20 15.14 13.57 -7.71
CA GLN C 20 15.94 14.59 -7.06
C GLN C 20 16.28 14.18 -5.63
N ILE C 21 15.31 13.56 -4.97
CA ILE C 21 15.56 13.01 -3.65
C ILE C 21 16.68 11.97 -3.70
N GLU C 22 16.62 11.07 -4.69
CA GLU C 22 17.80 10.27 -5.00
C GLU C 22 19.05 11.13 -4.85
N LYS C 23 19.07 12.28 -5.53
CA LYS C 23 20.24 13.14 -5.46
C LYS C 23 20.47 13.65 -4.04
N GLU C 24 19.41 14.12 -3.39
CA GLU C 24 19.50 14.60 -2.02
C GLU C 24 20.03 13.50 -1.07
N PHE C 25 19.61 12.26 -1.31
CA PHE C 25 20.14 11.12 -0.55
C PHE C 25 21.65 11.04 -0.72
N TRP D 1 -31.22 -17.10 -18.47
CA TRP D 1 -30.41 -15.90 -18.86
C TRP D 1 -31.09 -14.62 -18.39
N GLY D 2 -30.27 -13.67 -17.92
CA GLY D 2 -30.76 -12.56 -17.11
C GLY D 2 -30.40 -12.75 -15.64
N SER D 3 -30.85 -13.87 -15.06
CA SER D 3 -30.46 -14.27 -13.69
C SER D 3 -28.95 -14.55 -13.62
N ILE D 4 -28.40 -15.02 -14.73
CA ILE D 4 -26.96 -15.25 -14.85
C ILE D 4 -26.19 -13.91 -14.92
N ASP D 5 -26.75 -12.93 -15.63
CA ASP D 5 -26.18 -11.57 -15.57
C ASP D 5 -26.13 -11.06 -14.11
N GLN D 6 -27.21 -11.32 -13.36
CA GLN D 6 -27.30 -10.88 -11.96
C GLN D 6 -26.23 -11.48 -11.06
N ILE D 7 -25.98 -12.78 -11.18
CA ILE D 7 -24.93 -13.41 -10.38
C ILE D 7 -23.56 -12.93 -10.82
N ASN D 8 -23.38 -12.75 -12.13
CA ASN D 8 -22.15 -12.18 -12.67
C ASN D 8 -21.83 -10.86 -11.99
N GLY D 9 -22.81 -9.96 -11.92
CA GLY D 9 -22.65 -8.70 -11.18
C GLY D 9 -22.20 -8.85 -9.74
N LYS D 10 -22.92 -9.69 -9.00
CA LYS D 10 -22.62 -9.97 -7.58
C LYS D 10 -21.20 -10.46 -7.35
N MSE D 11 -20.77 -11.41 -8.17
CA MSE D 11 -19.42 -11.98 -8.06
C MSE D 11 -18.44 -10.87 -8.27
O MSE D 11 -17.55 -10.71 -7.46
CB MSE D 11 -19.17 -13.08 -9.08
CG MSE D 11 -19.73 -14.44 -8.70
SE MSE D 11 -19.11 -15.80 -10.01
CE MSE D 11 -20.00 -15.13 -11.64
N ASN D 12 -18.60 -10.09 -9.34
CA ASN D 12 -17.68 -8.95 -9.57
C ASN D 12 -17.68 -7.94 -8.42
N ARG D 13 -18.85 -7.62 -7.83
CA ARG D 13 -18.87 -6.68 -6.72
C ARG D 13 -18.08 -7.22 -5.54
N VAL D 14 -18.17 -8.53 -5.30
CA VAL D 14 -17.40 -9.17 -4.20
C VAL D 14 -15.89 -9.10 -4.51
N ILE D 15 -15.53 -9.47 -5.74
CA ILE D 15 -14.14 -9.40 -6.20
C ILE D 15 -13.54 -7.99 -6.01
N GLU D 16 -14.30 -6.98 -6.44
CA GLU D 16 -13.93 -5.57 -6.28
C GLU D 16 -13.69 -5.13 -4.81
N LYS D 17 -14.71 -5.28 -3.97
CA LYS D 17 -14.63 -4.98 -2.53
C LYS D 17 -13.48 -5.71 -1.87
N PHE D 18 -13.12 -7.19 -2.30
CA PHE D 18 -12.00 -7.90 -1.73
C PHE D 18 -10.67 -7.21 -2.03
N HIS D 19 -10.50 -6.69 -3.25
CA HIS D 19 -9.27 -5.98 -3.63
C HIS D 19 -9.10 -4.68 -2.86
N GLN D 20 -10.19 -3.94 -2.67
CA GLN D 20 -10.20 -2.76 -1.82
C GLN D 20 -9.67 -3.05 -0.41
N ILE D 21 -10.22 -4.09 0.20
CA ILE D 21 -9.88 -4.49 1.58
C ILE D 21 -8.45 -5.01 1.63
N GLU D 22 -8.07 -5.79 0.63
CA GLU D 22 -6.69 -6.26 0.43
C GLU D 22 -5.66 -5.09 0.31
N LYS D 23 -6.04 -4.02 -0.39
CA LYS D 23 -5.19 -2.82 -0.48
C LYS D 23 -5.05 -2.15 0.88
N GLU D 24 -6.16 -2.02 1.59
CA GLU D 24 -6.16 -1.52 2.96
C GLU D 24 -5.28 -2.32 3.93
N PHE D 25 -5.35 -3.64 3.86
CA PHE D 25 -4.51 -4.52 4.68
C PHE D 25 -3.04 -4.27 4.36
N SER D 26 -2.73 -4.35 3.06
CA SER D 26 -1.40 -4.03 2.53
C SER D 26 -0.84 -2.72 3.03
N GLU D 27 -1.68 -1.68 3.04
CA GLU D 27 -1.31 -0.37 3.58
C GLU D 27 -1.01 -0.30 5.08
N VAL D 28 -1.87 -0.88 5.90
CA VAL D 28 -1.63 -0.93 7.32
C VAL D 28 -0.37 -1.73 7.66
N GLU D 29 -0.12 -2.82 6.94
CA GLU D 29 1.13 -3.57 7.09
C GLU D 29 2.37 -2.73 6.73
N GLY D 30 2.23 -1.84 5.76
CA GLY D 30 3.30 -0.89 5.41
C GLY D 30 3.57 0.02 6.60
N ARG D 31 2.47 0.47 7.22
CA ARG D 31 2.52 1.30 8.40
C ARG D 31 3.27 0.63 9.54
N ILE D 32 2.99 -0.65 9.74
CA ILE D 32 3.63 -1.43 10.81
C ILE D 32 5.12 -1.56 10.53
N GLN D 33 5.48 -1.94 9.30
CA GLN D 33 6.88 -1.97 8.88
C GLN D 33 7.61 -0.63 9.10
N ASP D 34 6.94 0.48 8.77
CA ASP D 34 7.44 1.85 9.01
C ASP D 34 7.75 2.11 10.50
N MSE D 35 6.81 1.75 11.36
CA MSE D 35 7.01 1.93 12.82
C MSE D 35 8.17 1.10 13.31
O MSE D 35 9.00 1.57 14.09
CB MSE D 35 5.70 1.52 13.47
CG MSE D 35 5.79 1.52 14.99
SE MSE D 35 4.17 0.60 15.63
CE MSE D 35 4.74 -1.27 15.30
N GLU D 36 8.24 -0.15 12.83
CA GLU D 36 9.33 -1.07 13.18
C GLU D 36 10.72 -0.57 12.76
N LYS D 37 10.83 -0.20 11.49
CA LYS D 37 12.12 0.20 10.90
C LYS D 37 12.60 1.60 11.26
N TYR D 38 11.67 2.52 11.43
CA TYR D 38 12.00 3.93 11.61
C TYR D 38 11.78 4.39 13.04
N GLY E 2 -0.91 8.68 18.17
CA GLY E 2 0.31 8.59 17.33
C GLY E 2 0.22 7.42 16.39
N SER E 3 1.33 7.07 15.73
CA SER E 3 1.35 5.94 14.82
C SER E 3 0.76 4.65 15.43
N ILE E 4 1.09 4.37 16.70
CA ILE E 4 0.61 3.12 17.34
C ILE E 4 -0.94 3.04 17.45
N ASP E 5 -1.55 4.07 18.03
CA ASP E 5 -3.01 4.14 18.15
C ASP E 5 -3.72 4.25 16.79
N GLN E 6 -3.11 4.97 15.86
CA GLN E 6 -3.66 5.11 14.49
C GLN E 6 -3.73 3.77 13.79
N ILE E 7 -2.61 3.04 13.80
CA ILE E 7 -2.50 1.70 13.19
C ILE E 7 -3.43 0.67 13.86
N ASN E 8 -3.49 0.67 15.19
CA ASN E 8 -4.37 -0.22 15.95
C ASN E 8 -5.81 -0.10 15.43
N GLY E 9 -6.31 1.12 15.33
CA GLY E 9 -7.70 1.39 14.91
C GLY E 9 -7.89 1.07 13.43
N LYS E 10 -6.89 1.40 12.62
CA LYS E 10 -6.95 1.05 11.19
C LYS E 10 -7.05 -0.47 11.01
N MSE E 11 -6.23 -1.22 11.73
CA MSE E 11 -6.28 -2.70 11.64
C MSE E 11 -7.61 -3.27 12.11
O MSE E 11 -8.12 -4.22 11.50
CB MSE E 11 -5.13 -3.31 12.44
CG MSE E 11 -4.99 -4.81 12.21
SE MSE E 11 -4.85 -5.26 10.29
CE MSE E 11 -2.94 -4.83 9.95
N ASN E 12 -8.16 -2.71 13.18
CA ASN E 12 -9.47 -3.18 13.67
C ASN E 12 -10.54 -3.06 12.60
N ARG E 13 -10.57 -1.89 11.95
CA ARG E 13 -11.49 -1.55 10.87
C ARG E 13 -11.35 -2.48 9.68
N VAL E 14 -10.11 -2.82 9.32
CA VAL E 14 -9.88 -3.74 8.20
C VAL E 14 -10.42 -5.13 8.51
N ILE E 15 -10.12 -5.65 9.70
CA ILE E 15 -10.52 -7.02 10.03
C ILE E 15 -12.05 -7.09 10.09
N GLU E 16 -12.69 -6.00 10.55
CA GLU E 16 -14.16 -5.85 10.47
C GLU E 16 -14.68 -6.03 9.04
N LYS E 17 -14.09 -5.30 8.11
CA LYS E 17 -14.48 -5.38 6.68
C LYS E 17 -14.22 -6.78 6.16
N PHE E 18 -12.99 -7.51 6.57
CA PHE E 18 -12.75 -8.88 6.15
C PHE E 18 -13.88 -9.81 6.56
N HIS E 19 -14.36 -9.69 7.80
CA HIS E 19 -15.45 -10.57 8.24
C HIS E 19 -16.72 -10.39 7.39
N GLN E 20 -17.00 -9.15 7.04
CA GLN E 20 -18.11 -8.83 6.16
C GLN E 20 -17.98 -9.40 4.76
N ILE E 21 -16.76 -9.36 4.19
CA ILE E 21 -16.58 -9.87 2.83
C ILE E 21 -16.63 -11.39 2.80
N GLU E 22 -16.18 -12.01 3.89
CA GLU E 22 -16.26 -13.46 4.01
C GLU E 22 -17.71 -13.88 3.94
N LYS E 23 -18.58 -13.13 4.63
CA LYS E 23 -20.02 -13.35 4.68
C LYS E 23 -20.61 -13.24 3.26
N GLU E 24 -20.22 -12.19 2.57
CA GLU E 24 -20.75 -11.94 1.24
C GLU E 24 -20.28 -12.96 0.23
N PHE E 25 -18.99 -13.29 0.28
CA PHE E 25 -18.49 -14.38 -0.56
C PHE E 25 -19.28 -15.68 -0.33
N SER E 26 -19.62 -15.94 0.93
CA SER E 26 -20.39 -17.16 1.30
C SER E 26 -21.78 -17.16 0.71
N GLU E 27 -22.42 -16.01 0.75
CA GLU E 27 -23.74 -15.78 0.20
C GLU E 27 -23.75 -16.04 -1.30
N VAL E 28 -22.76 -15.46 -1.99
CA VAL E 28 -22.67 -15.59 -3.43
C VAL E 28 -22.35 -17.02 -3.85
N GLU E 29 -21.34 -17.66 -3.24
CA GLU E 29 -21.05 -19.06 -3.55
C GLU E 29 -22.29 -19.95 -3.36
N GLY E 30 -23.02 -19.74 -2.27
CA GLY E 30 -24.25 -20.49 -1.95
C GLY E 30 -25.20 -20.40 -3.12
N ARG E 31 -25.43 -19.16 -3.59
CA ARG E 31 -26.29 -18.89 -4.74
CA ARG E 31 -26.30 -18.89 -4.75
C ARG E 31 -25.82 -19.63 -5.99
N ILE E 32 -24.52 -19.57 -6.25
CA ILE E 32 -23.94 -20.23 -7.42
C ILE E 32 -24.10 -21.74 -7.32
N GLN E 33 -23.77 -22.29 -6.14
CA GLN E 33 -23.93 -23.71 -5.84
C GLN E 33 -25.37 -24.20 -6.06
N ASP E 34 -26.36 -23.41 -5.63
CA ASP E 34 -27.78 -23.74 -5.81
C ASP E 34 -28.19 -23.71 -7.27
N MSE E 35 -27.73 -22.68 -7.99
CA MSE E 35 -28.04 -22.52 -9.42
C MSE E 35 -27.52 -23.71 -10.16
O MSE E 35 -28.24 -24.33 -10.96
CB MSE E 35 -27.40 -21.25 -9.98
CG MSE E 35 -28.30 -20.01 -9.89
SE MSE E 35 -27.28 -18.32 -10.19
CE MSE E 35 -26.60 -18.75 -11.99
N GLU E 36 -26.26 -24.05 -9.91
CA GLU E 36 -25.62 -25.17 -10.57
C GLU E 36 -26.27 -26.54 -10.23
N LYS E 37 -26.75 -26.68 -8.99
CA LYS E 37 -27.38 -27.93 -8.55
C LYS E 37 -28.84 -28.12 -8.99
N TYR E 38 -29.63 -27.04 -8.99
CA TYR E 38 -31.06 -27.12 -9.27
C TYR E 38 -31.46 -26.62 -10.66
N ILE F 4 -28.46 -16.10 -23.35
CA ILE F 4 -27.26 -15.82 -24.19
C ILE F 4 -26.07 -16.70 -23.78
N ASP F 5 -25.38 -17.22 -24.80
CA ASP F 5 -24.11 -17.93 -24.68
C ASP F 5 -23.00 -17.02 -24.17
N GLN F 6 -23.11 -15.72 -24.44
CA GLN F 6 -22.07 -14.75 -24.09
C GLN F 6 -21.99 -14.63 -22.57
N ILE F 7 -23.13 -14.51 -21.94
CA ILE F 7 -23.12 -14.44 -20.46
C ILE F 7 -22.60 -15.69 -19.77
N ASN F 8 -22.89 -16.89 -20.29
CA ASN F 8 -22.31 -18.08 -19.70
C ASN F 8 -20.79 -18.06 -19.84
N GLY F 9 -20.30 -17.59 -20.99
CA GLY F 9 -18.87 -17.39 -21.20
C GLY F 9 -18.30 -16.51 -20.10
N LYS F 10 -18.92 -15.35 -19.90
CA LYS F 10 -18.50 -14.37 -18.90
C LYS F 10 -18.58 -14.91 -17.46
N MSE F 11 -19.50 -15.85 -17.19
CA MSE F 11 -19.66 -16.48 -15.87
C MSE F 11 -18.47 -17.31 -15.55
O MSE F 11 -17.91 -17.23 -14.47
CB MSE F 11 -20.89 -17.41 -15.80
CG MSE F 11 -21.75 -17.25 -14.54
SE MSE F 11 -21.32 -18.47 -13.04
CE MSE F 11 -20.84 -20.03 -14.15
N ASN F 12 -18.05 -18.12 -16.52
CA ASN F 12 -16.90 -19.00 -16.36
C ASN F 12 -15.56 -18.27 -16.17
N ARG F 13 -15.42 -17.11 -16.81
CA ARG F 13 -14.19 -16.31 -16.67
C ARG F 13 -14.09 -15.77 -15.26
N VAL F 14 -15.22 -15.29 -14.74
CA VAL F 14 -15.29 -14.72 -13.41
C VAL F 14 -15.16 -15.78 -12.31
N ILE F 15 -15.87 -16.88 -12.45
CA ILE F 15 -15.87 -17.85 -11.37
C ILE F 15 -14.45 -18.31 -11.12
N GLU F 16 -13.56 -18.07 -12.08
CA GLU F 16 -12.15 -18.38 -11.92
C GLU F 16 -11.47 -17.31 -11.09
N LYS F 17 -11.89 -16.07 -11.29
CA LYS F 17 -11.38 -14.96 -10.49
C LYS F 17 -12.09 -14.98 -9.14
N PHE F 18 -13.30 -15.11 -9.05
CA PHE F 18 -14.14 -15.37 -7.89
C PHE F 18 -13.63 -16.57 -7.10
N HIS F 19 -13.35 -17.66 -7.81
CA HIS F 19 -12.84 -18.89 -7.22
C HIS F 19 -11.44 -18.72 -6.62
N GLN F 20 -10.63 -17.83 -7.22
CA GLN F 20 -9.32 -17.55 -6.66
C GLN F 20 -9.48 -16.65 -5.44
N ILE F 21 -10.32 -15.64 -5.54
CA ILE F 21 -10.58 -14.78 -4.38
C ILE F 21 -11.01 -15.61 -3.17
N GLU F 22 -11.62 -16.77 -3.44
CA GLU F 22 -12.06 -17.70 -2.40
C GLU F 22 -10.94 -18.14 -1.48
N LYS F 23 -10.20 -19.17 -1.92
CA LYS F 23 -9.09 -19.69 -1.16
C LYS F 23 -8.26 -18.54 -0.60
N GLU F 24 -8.17 -17.47 -1.38
CA GLU F 24 -7.38 -16.29 -0.97
C GLU F 24 -8.03 -15.50 0.16
N PHE F 25 -8.92 -16.14 0.92
CA PHE F 25 -9.53 -15.49 2.08
C PHE F 25 -8.81 -15.86 3.37
C1 GOL G . -17.99 -17.73 8.16
O1 GOL G . -16.70 -18.31 7.91
C2 GOL G . -18.12 -16.36 7.49
O2 GOL G . -17.16 -15.44 8.05
C3 GOL G . -19.51 -15.81 7.78
O3 GOL G . -20.47 -16.42 6.92
#